data_3BNZ
#
_entry.id   3BNZ
#
_cell.length_a   76.563
_cell.length_b   76.563
_cell.length_c   213.073
_cell.angle_alpha   90.00
_cell.angle_beta   90.00
_cell.angle_gamma   120.00
#
_symmetry.space_group_name_H-M   'P 61 2 2'
#
loop_
_entity.id
_entity.type
_entity.pdbx_description
1 polymer 'Thymidylate synthase'
2 non-polymer 'PHOSPHATE ION'
3 non-polymer "2'-DEOXYURIDINE 5'-MONOPHOSPHATE"
4 non-polymer 4-(4-methyl-1,3-dioxo-1,3-dihydro-2H-isoindol-2-yl)benzonitrile
5 water water
#
_entity_poly.entity_id   1
_entity_poly.type   'polypeptide(L)'
_entity_poly.pdbx_seq_one_letter_code
;MLEQPYLDLAKKVLDEGHFKPDRTHTGTYSIFGHQMRFDLSKGFPLLTTKKVPFGLIKSELLWFLHGDTNIRFLLQHRNH
IWDEWAFEKWVKSDEYHGPDMTDFGHRSQKDPEFAAVYHEEMAKFDDRVLHDDAFAAKYGDLGLVYGSQWRAWHTSKGDT
IDQLGDVIEQIKTHPYSRRLIVSAWNPEDVPTMALPPCHTLYQFYVNDGKLSLQLYQRSADIFLGVPFNIASYALLTHLV
AHECGLEVGEFIHTFGDAHLYVNHLDQIKEQLSRTPRPAPTLQLNPDKHDIFDFDMKDIKLLNYDPYPAIKAPVAV
;
_entity_poly.pdbx_strand_id   A
#
# COMPACT_ATOMS: atom_id res chain seq x y z
N MET A 1 2.72 19.10 -13.45
CA MET A 1 3.00 18.97 -11.96
C MET A 1 3.37 17.54 -11.64
N LEU A 2 3.98 17.33 -10.46
CA LEU A 2 4.40 15.95 -10.07
C LEU A 2 3.32 14.87 -10.18
N GLU A 3 2.09 15.14 -9.75
CA GLU A 3 1.02 14.14 -9.76
C GLU A 3 0.23 14.00 -11.08
N GLN A 4 0.65 14.73 -12.14
CA GLN A 4 -0.17 14.78 -13.34
C GLN A 4 -0.26 13.41 -14.00
N PRO A 5 0.72 12.50 -13.95
CA PRO A 5 0.53 11.17 -14.55
C PRO A 5 -0.60 10.39 -13.89
N TYR A 6 -0.95 10.65 -12.65
CA TYR A 6 -2.14 10.05 -12.07
C TYR A 6 -3.33 10.61 -12.75
N LEU A 7 -3.46 11.93 -12.73
CA LEU A 7 -4.66 12.54 -13.34
C LEU A 7 -4.79 12.10 -14.78
N ASP A 8 -3.67 12.09 -15.49
CA ASP A 8 -3.66 11.50 -16.83
C ASP A 8 -4.15 10.06 -16.90
N LEU A 9 -3.73 9.22 -15.96
CA LEU A 9 -4.08 7.82 -15.99
C LEU A 9 -5.51 7.65 -15.60
N ALA A 10 -6.03 8.56 -14.78
CA ALA A 10 -7.47 8.52 -14.45
C ALA A 10 -8.30 9.01 -15.65
N LYS A 11 -7.83 10.05 -16.31
CA LYS A 11 -8.49 10.53 -17.52
C LYS A 11 -8.53 9.46 -18.59
N LYS A 12 -7.39 8.83 -18.90
CA LYS A 12 -7.31 7.92 -20.04
C LYS A 12 -8.23 6.71 -19.89
N VAL A 13 -8.43 6.25 -18.66
CA VAL A 13 -9.35 5.15 -18.35
C VAL A 13 -10.79 5.55 -18.49
N LEU A 14 -11.09 6.80 -18.17
CA LEU A 14 -12.37 7.37 -18.52
C LEU A 14 -12.54 7.34 -20.06
N ASP A 15 -11.65 8.05 -20.76
CA ASP A 15 -11.81 8.40 -22.19
C ASP A 15 -11.72 7.21 -23.14
N GLU A 16 -10.93 6.19 -22.78
CA GLU A 16 -10.75 5.00 -23.65
C GLU A 16 -10.69 3.59 -22.95
N GLY A 17 -10.99 3.53 -21.65
CA GLY A 17 -11.01 2.27 -20.94
C GLY A 17 -12.23 1.50 -21.37
N HIS A 18 -12.14 0.18 -21.42
CA HIS A 18 -13.26 -0.62 -21.88
C HIS A 18 -13.93 -1.24 -20.69
N PHE A 19 -15.22 -1.53 -20.78
CA PHE A 19 -15.94 -2.17 -19.66
C PHE A 19 -15.43 -3.61 -19.34
N LYS A 20 -15.48 -4.01 -18.08
CA LYS A 20 -14.86 -5.23 -17.64
C LYS A 20 -15.56 -5.74 -16.36
N PRO A 21 -16.08 -6.88 -16.25
CA PRO A 21 -16.55 -7.38 -14.97
C PRO A 21 -15.38 -7.81 -14.12
N ASP A 22 -15.60 -7.91 -12.82
CA ASP A 22 -14.52 -8.24 -11.90
C ASP A 22 -14.89 -9.29 -10.83
N ARG A 23 -13.92 -9.73 -10.05
CA ARG A 23 -14.14 -10.62 -8.90
C ARG A 23 -15.27 -10.13 -7.92
N THR A 24 -15.48 -8.82 -7.92
CA THR A 24 -16.27 -8.12 -6.88
C THR A 24 -17.78 -8.00 -7.24
N HIS A 25 -18.10 -8.29 -8.50
CA HIS A 25 -19.43 -8.02 -9.09
C HIS A 25 -19.94 -6.60 -8.86
N THR A 26 -18.99 -5.68 -8.96
CA THR A 26 -19.19 -4.28 -9.24
C THR A 26 -18.68 -4.24 -10.68
N GLY A 27 -18.97 -3.22 -11.46
CA GLY A 27 -18.29 -3.21 -12.76
C GLY A 27 -16.92 -2.57 -12.62
N THR A 28 -16.13 -2.55 -13.69
CA THR A 28 -14.98 -1.64 -13.78
C THR A 28 -14.88 -1.11 -15.21
N TYR A 29 -14.15 -0.01 -15.39
CA TYR A 29 -13.62 0.45 -16.67
C TYR A 29 -12.13 0.31 -16.50
N SER A 30 -11.51 -0.35 -17.48
CA SER A 30 -10.28 -1.04 -17.24
C SER A 30 -9.28 -0.88 -18.40
N ILE A 31 -7.97 -0.78 -18.11
CA ILE A 31 -6.91 -0.96 -19.13
C ILE A 31 -5.74 -1.84 -18.70
N PHE A 32 -5.11 -2.48 -19.66
CA PHE A 32 -3.94 -3.34 -19.39
C PHE A 32 -2.61 -2.75 -19.85
N GLY A 33 -1.64 -2.63 -18.95
CA GLY A 33 -0.31 -2.17 -19.32
C GLY A 33 -0.30 -0.66 -19.30
N HIS A 34 0.09 -0.07 -18.19
CA HIS A 34 0.31 1.36 -18.18
C HIS A 34 1.53 1.59 -17.30
N GLN A 35 2.19 2.72 -17.55
CA GLN A 35 3.42 3.15 -16.91
C GLN A 35 3.39 4.64 -16.66
N MET A 36 3.43 5.04 -15.39
CA MET A 36 3.69 6.45 -15.07
C MET A 36 5.00 6.57 -14.32
N ARG A 37 5.70 7.68 -14.52
CA ARG A 37 6.94 7.88 -13.78
C ARG A 37 6.92 9.17 -13.00
N PHE A 38 7.70 9.16 -11.91
CA PHE A 38 7.71 10.27 -10.98
C PHE A 38 9.15 10.58 -10.59
N ASP A 39 9.62 11.75 -11.01
CA ASP A 39 10.96 12.26 -10.72
C ASP A 39 11.01 12.77 -9.25
N LEU A 40 11.57 11.76 -8.38
CA LEU A 40 11.41 11.95 -6.96
C LEU A 40 12.23 13.11 -6.39
N SER A 41 13.08 13.68 -7.23
CA SER A 41 13.90 14.82 -6.89
C SER A 41 13.18 16.17 -7.05
N LYS A 42 11.97 16.16 -7.60
CA LYS A 42 11.24 17.41 -7.83
C LYS A 42 10.20 17.58 -6.71
N GLY A 43 10.29 16.78 -5.65
CA GLY A 43 9.27 16.74 -4.57
C GLY A 43 8.70 15.33 -4.37
N PHE A 44 7.76 15.16 -3.46
CA PHE A 44 7.19 13.85 -3.15
C PHE A 44 5.76 13.70 -3.72
N PRO A 45 5.43 12.59 -4.36
CA PRO A 45 4.11 12.63 -4.96
C PRO A 45 2.91 12.17 -4.11
N LEU A 46 2.70 12.78 -2.94
CA LEU A 46 1.38 12.61 -2.30
C LEU A 46 0.41 13.48 -3.09
N LEU A 47 -0.63 12.87 -3.68
CA LEU A 47 -1.52 13.63 -4.57
C LEU A 47 -1.99 14.84 -3.78
N THR A 48 -2.06 16.00 -4.44
CA THR A 48 -2.58 17.18 -3.76
C THR A 48 -4.05 17.36 -4.04
N THR A 49 -4.51 16.94 -5.21
CA THR A 49 -5.92 17.06 -5.58
C THR A 49 -6.91 16.21 -4.73
N LYS A 50 -6.38 15.33 -3.86
CA LYS A 50 -7.25 14.56 -2.92
C LYS A 50 -6.47 14.09 -1.70
N LYS A 51 -7.07 14.25 -0.53
CA LYS A 51 -6.27 14.16 0.69
C LYS A 51 -5.88 12.71 0.92
N VAL A 52 -4.56 12.46 0.99
CA VAL A 52 -4.09 11.12 1.31
C VAL A 52 -3.23 11.22 2.59
N PRO A 53 -3.75 10.73 3.72
CA PRO A 53 -3.10 10.80 5.04
C PRO A 53 -1.74 10.04 5.11
N PHE A 54 -0.65 10.83 5.14
CA PHE A 54 0.67 10.31 5.03
C PHE A 54 0.97 9.49 6.23
N GLY A 55 0.29 9.79 7.32
CA GLY A 55 0.54 9.10 8.57
C GLY A 55 0.20 7.66 8.36
N LEU A 56 -0.93 7.44 7.67
CA LEU A 56 -1.38 6.06 7.40
C LEU A 56 -0.40 5.29 6.49
N ILE A 57 0.12 5.97 5.48
CA ILE A 57 1.13 5.44 4.57
C ILE A 57 2.35 5.00 5.37
N LYS A 58 2.92 5.90 6.18
CA LYS A 58 4.17 5.58 6.91
C LYS A 58 4.10 4.50 7.96
N SER A 59 3.07 4.52 8.83
CA SER A 59 2.91 3.43 9.78
C SER A 59 2.88 2.06 9.06
N GLU A 60 2.00 1.96 8.06
CA GLU A 60 1.89 0.77 7.25
C GLU A 60 3.19 0.42 6.53
N LEU A 61 3.92 1.40 6.02
CA LEU A 61 5.20 1.03 5.43
C LEU A 61 6.20 0.56 6.51
N LEU A 62 6.10 1.13 7.71
CA LEU A 62 7.03 0.75 8.78
C LEU A 62 6.68 -0.65 9.34
N TRP A 63 5.40 -0.96 9.42
CA TRP A 63 4.88 -2.33 9.55
C TRP A 63 5.56 -3.31 8.57
N PHE A 64 5.55 -3.01 7.28
CA PHE A 64 6.24 -3.83 6.29
C PHE A 64 7.73 -3.96 6.50
N LEU A 65 8.44 -2.84 6.61
CA LEU A 65 9.90 -2.84 6.92
C LEU A 65 10.28 -3.59 8.17
N HIS A 66 9.36 -3.72 9.13
CA HIS A 66 9.62 -4.49 10.37
C HIS A 66 9.43 -6.01 10.20
N GLY A 67 8.87 -6.44 9.06
CA GLY A 67 8.49 -7.86 8.85
C GLY A 67 7.29 -8.28 9.68
N ASP A 68 6.48 -7.30 10.09
CA ASP A 68 5.32 -7.49 10.95
C ASP A 68 4.06 -7.76 10.09
N THR A 69 3.16 -8.59 10.62
CA THR A 69 1.98 -9.05 9.92
C THR A 69 0.82 -9.02 10.89
N ASN A 70 1.06 -8.39 12.03
CA ASN A 70 0.04 -8.24 13.07
C ASN A 70 -0.62 -6.87 13.11
N ILE A 71 -1.93 -6.89 12.91
CA ILE A 71 -2.82 -5.71 12.95
C ILE A 71 -2.59 -4.81 14.15
N ARG A 72 -2.04 -5.38 15.21
CA ARG A 72 -1.72 -4.62 16.42
C ARG A 72 -0.82 -3.41 16.25
N PHE A 73 0.32 -3.57 15.60
CA PHE A 73 1.23 -2.44 15.49
C PHE A 73 0.46 -1.30 14.85
N LEU A 74 -0.18 -1.61 13.74
CA LEU A 74 -0.98 -0.67 13.02
C LEU A 74 -1.99 0.10 13.90
N LEU A 75 -2.55 -0.63 14.87
CA LEU A 75 -3.70 -0.23 15.61
C LEU A 75 -3.28 0.80 16.64
N GLN A 76 -2.08 0.63 17.18
CA GLN A 76 -1.58 1.67 18.04
C GLN A 76 -1.03 2.86 17.32
N HIS A 77 -1.12 2.90 15.98
CA HIS A 77 -0.80 4.13 15.23
C HIS A 77 -2.02 4.70 14.60
N ARG A 78 -3.18 4.39 15.19
CA ARG A 78 -4.46 4.80 14.64
C ARG A 78 -4.61 4.54 13.12
N ASN A 79 -4.17 3.36 12.68
CA ASN A 79 -4.19 2.97 11.29
C ASN A 79 -5.07 1.72 11.07
N HIS A 80 -6.27 1.90 10.48
CA HIS A 80 -7.27 0.83 10.33
C HIS A 80 -7.36 0.21 8.93
N ILE A 81 -6.50 0.69 8.03
CA ILE A 81 -6.38 0.23 6.64
C ILE A 81 -6.59 -1.29 6.44
N TRP A 82 -5.93 -2.12 7.27
CA TRP A 82 -5.93 -3.60 7.15
C TRP A 82 -6.92 -4.28 8.07
N ASP A 83 -7.87 -3.52 8.62
CA ASP A 83 -8.64 -4.03 9.76
C ASP A 83 -9.59 -5.17 9.48
N GLU A 84 -10.24 -5.11 8.32
CA GLU A 84 -11.35 -6.01 7.96
C GLU A 84 -10.94 -7.45 7.79
N TRP A 85 -9.76 -7.66 7.18
CA TRP A 85 -9.16 -8.99 6.91
C TRP A 85 -8.84 -9.77 8.20
N ALA A 86 -8.47 -9.06 9.27
CA ALA A 86 -8.28 -9.67 10.59
C ALA A 86 -9.61 -10.01 11.29
N PHE A 87 -10.57 -9.09 11.18
CA PHE A 87 -11.94 -9.27 11.68
C PHE A 87 -12.60 -10.52 11.08
N GLU A 88 -12.26 -10.83 9.84
CA GLU A 88 -12.86 -11.94 9.08
C GLU A 88 -12.54 -13.34 9.62
N LYS A 89 -11.27 -13.58 9.96
CA LYS A 89 -10.85 -14.83 10.61
C LYS A 89 -11.42 -14.90 12.03
N TRP A 90 -11.88 -13.75 12.54
CA TRP A 90 -12.59 -13.65 13.82
C TRP A 90 -14.06 -14.06 13.71
N VAL A 91 -14.81 -13.41 12.82
CA VAL A 91 -16.23 -13.75 12.59
C VAL A 91 -16.51 -15.22 12.10
N LYS A 92 -15.54 -15.83 11.44
CA LYS A 92 -15.65 -17.22 11.04
C LYS A 92 -15.34 -18.15 12.22
N SER A 93 -14.39 -17.75 13.08
CA SER A 93 -13.80 -18.56 14.15
C SER A 93 -14.87 -19.33 14.92
N ASP A 94 -14.50 -20.60 15.03
CA ASP A 94 -15.19 -21.76 15.69
C ASP A 94 -15.58 -21.35 17.12
N GLU A 95 -14.77 -20.52 17.79
CA GLU A 95 -15.16 -19.93 19.10
C GLU A 95 -15.71 -18.47 19.05
N TYR A 96 -16.27 -18.03 18.01
CA TYR A 96 -16.86 -16.68 17.89
C TYR A 96 -18.29 -16.67 18.46
N HIS A 97 -18.62 -15.62 19.23
CA HIS A 97 -19.93 -15.55 19.87
C HIS A 97 -20.50 -14.13 19.92
N GLY A 98 -21.23 -13.78 18.88
CA GLY A 98 -21.87 -12.46 18.78
C GLY A 98 -22.86 -12.42 17.64
N ASP A 100 -24.10 -11.10 13.67
CA ASP A 100 -24.08 -11.92 12.47
C ASP A 100 -23.44 -11.18 11.30
N MET A 101 -22.29 -11.69 10.82
CA MET A 101 -21.41 -10.95 9.89
C MET A 101 -21.08 -11.69 8.59
N THR A 102 -22.10 -12.37 7.99
CA THR A 102 -21.80 -12.84 6.65
C THR A 102 -21.64 -11.68 5.68
N PHE A 104 -19.85 -9.08 5.78
CA PHE A 104 -19.96 -7.84 6.53
C PHE A 104 -19.58 -6.63 5.66
N GLY A 105 -18.61 -6.76 4.77
CA GLY A 105 -18.18 -5.68 3.88
C GLY A 105 -19.20 -5.34 2.83
N HIS A 106 -19.93 -6.37 2.36
CA HIS A 106 -21.03 -6.25 1.38
C HIS A 106 -22.21 -5.54 2.04
N ARG A 107 -22.12 -5.42 3.35
CA ARG A 107 -23.13 -4.80 4.16
C ARG A 107 -22.51 -3.67 5.00
N SER A 108 -22.16 -2.58 4.33
CA SER A 108 -21.61 -1.43 5.04
C SER A 108 -22.56 -0.26 5.02
N GLN A 109 -22.69 0.09 3.73
CA GLN A 109 -23.73 1.11 3.23
C GLN A 109 -25.09 0.44 3.05
N LYS A 110 -25.03 -0.85 2.63
CA LYS A 110 -26.22 -1.67 2.39
C LYS A 110 -27.32 -1.53 3.46
N ASP A 111 -26.99 -1.67 4.73
CA ASP A 111 -27.94 -1.28 5.77
C ASP A 111 -27.28 -0.48 6.90
N PRO A 112 -27.63 0.82 6.99
CA PRO A 112 -27.18 1.70 8.07
C PRO A 112 -27.21 1.05 9.47
N GLU A 113 -28.30 0.36 9.84
CA GLU A 113 -28.38 -0.30 11.15
C GLU A 113 -27.32 -1.43 11.35
N PHE A 114 -26.63 -1.82 10.26
CA PHE A 114 -25.45 -2.68 10.38
C PHE A 114 -24.25 -1.91 10.96
N ALA A 115 -23.97 -0.72 10.40
CA ALA A 115 -22.90 0.18 10.88
C ALA A 115 -22.79 0.23 12.38
N ALA A 116 -23.93 0.41 13.05
CA ALA A 116 -23.99 0.41 14.50
C ALA A 116 -23.33 -0.84 15.06
N VAL A 117 -23.84 -2.01 14.67
CA VAL A 117 -23.37 -3.28 15.23
C VAL A 117 -22.20 -3.92 14.49
N TYR A 118 -21.85 -3.39 13.32
CA TYR A 118 -20.56 -3.65 12.72
C TYR A 118 -19.50 -2.90 13.53
N HIS A 119 -19.52 -1.56 13.47
CA HIS A 119 -18.69 -0.69 14.32
C HIS A 119 -18.56 -1.25 15.74
N GLU A 120 -19.68 -1.45 16.44
CA GLU A 120 -19.65 -1.99 17.80
C GLU A 120 -18.79 -3.26 17.87
N GLU A 121 -19.05 -4.22 16.98
CA GLU A 121 -18.37 -5.52 17.04
C GLU A 121 -16.95 -5.46 16.48
N MET A 122 -16.64 -4.36 15.80
CA MET A 122 -15.32 -4.12 15.18
C MET A 122 -14.39 -3.37 16.15
N ALA A 123 -14.93 -2.37 16.86
CA ALA A 123 -14.21 -1.69 17.94
C ALA A 123 -14.03 -2.60 19.16
N LYS A 124 -15.01 -3.48 19.41
CA LYS A 124 -14.96 -4.52 20.46
C LYS A 124 -13.84 -5.54 20.19
N PHE A 125 -13.48 -5.70 18.91
CA PHE A 125 -12.41 -6.59 18.46
C PHE A 125 -11.03 -5.91 18.37
N ASP A 126 -10.98 -4.68 17.83
CA ASP A 126 -9.76 -3.84 17.76
C ASP A 126 -9.16 -3.70 19.13
N ASP A 127 -9.96 -3.16 20.03
CA ASP A 127 -9.72 -3.16 21.45
C ASP A 127 -9.02 -4.42 21.97
N ARG A 128 -9.66 -5.59 21.82
CA ARG A 128 -9.14 -6.84 22.37
C ARG A 128 -7.90 -7.39 21.65
N VAL A 129 -7.55 -6.84 20.49
CA VAL A 129 -6.26 -7.14 19.84
C VAL A 129 -5.19 -6.34 20.58
N LEU A 130 -5.50 -5.06 20.80
CA LEU A 130 -4.63 -4.15 21.52
C LEU A 130 -4.09 -4.65 22.89
N HIS A 131 -4.85 -5.51 23.58
CA HIS A 131 -4.67 -5.76 25.03
C HIS A 131 -4.46 -7.22 25.46
N ASP A 132 -5.32 -8.07 24.73
CA ASP A 132 -5.36 -9.49 24.99
C ASP A 132 -4.38 -10.12 23.98
N ASP A 133 -3.25 -10.60 24.47
CA ASP A 133 -2.23 -11.22 23.60
C ASP A 133 -2.62 -12.51 22.88
N ALA A 134 -3.31 -13.45 23.55
CA ALA A 134 -3.68 -14.74 22.88
C ALA A 134 -4.51 -14.51 21.62
N PHE A 135 -5.63 -13.77 21.76
CA PHE A 135 -6.48 -13.20 20.66
C PHE A 135 -5.73 -12.54 19.49
N ALA A 136 -4.82 -11.61 19.83
CA ALA A 136 -3.92 -10.96 18.89
C ALA A 136 -3.03 -11.93 18.12
N ALA A 137 -2.41 -12.86 18.83
CA ALA A 137 -1.53 -13.83 18.20
C ALA A 137 -2.28 -14.65 17.18
N LYS A 138 -3.62 -14.63 17.29
CA LYS A 138 -4.55 -15.57 16.66
C LYS A 138 -5.49 -14.89 15.64
N TYR A 139 -6.16 -13.81 16.02
CA TYR A 139 -7.06 -13.12 15.07
C TYR A 139 -6.48 -11.84 14.47
N GLY A 140 -5.32 -11.41 14.96
CA GLY A 140 -4.69 -10.15 14.54
C GLY A 140 -3.50 -10.27 13.61
N ASP A 141 -2.96 -11.48 13.49
CA ASP A 141 -1.81 -11.75 12.65
C ASP A 141 -2.33 -12.18 11.28
N LEU A 142 -2.04 -11.39 10.24
CA LEU A 142 -2.55 -11.66 8.90
C LEU A 142 -1.71 -12.67 8.06
N GLY A 143 -0.63 -13.21 8.62
CA GLY A 143 0.14 -14.25 7.96
C GLY A 143 0.93 -13.74 6.77
N LEU A 144 0.50 -14.15 5.58
CA LEU A 144 1.22 -13.91 4.33
C LEU A 144 0.78 -12.56 3.69
N VAL A 145 1.13 -11.43 4.32
CA VAL A 145 0.96 -10.10 3.72
C VAL A 145 2.39 -9.54 3.65
N TYR A 146 2.61 -8.33 3.15
CA TYR A 146 3.96 -7.94 2.64
C TYR A 146 5.10 -8.04 3.64
N GLY A 147 4.78 -8.06 4.90
CA GLY A 147 5.86 -8.13 5.89
C GLY A 147 6.56 -9.46 5.84
N SER A 148 5.83 -10.54 5.61
CA SER A 148 6.52 -11.83 5.51
C SER A 148 7.17 -12.03 4.16
N GLN A 149 6.50 -11.61 3.06
CA GLN A 149 7.07 -11.86 1.73
C GLN A 149 8.42 -11.17 1.57
N TRP A 150 8.45 -9.91 1.99
CA TRP A 150 9.62 -9.02 1.90
C TRP A 150 10.78 -9.45 2.80
N ARG A 151 10.49 -9.75 4.08
CA ARG A 151 11.51 -9.94 5.12
C ARG A 151 11.65 -11.34 5.74
N ALA A 152 10.62 -12.19 5.63
CA ALA A 152 10.61 -13.59 6.10
C ALA A 152 9.93 -14.57 5.11
N TRP A 153 10.34 -14.55 3.85
CA TRP A 153 9.73 -15.39 2.79
C TRP A 153 9.91 -16.88 3.10
N HIS A 154 8.82 -17.59 3.36
CA HIS A 154 8.81 -19.04 3.72
C HIS A 154 9.41 -19.97 2.64
N THR A 155 10.66 -20.42 3.03
CA THR A 155 11.55 -21.18 2.20
C THR A 155 11.14 -22.67 2.28
N SER A 156 11.66 -23.47 1.35
CA SER A 156 11.25 -24.85 1.17
C SER A 156 11.89 -25.79 2.17
N LYS A 157 13.10 -25.47 2.60
CA LYS A 157 13.69 -26.07 3.80
C LYS A 157 13.06 -25.58 5.12
N GLY A 158 11.85 -25.00 5.06
CA GLY A 158 11.22 -24.45 6.31
C GLY A 158 11.93 -23.24 6.94
N ASP A 159 13.16 -22.96 6.52
CA ASP A 159 13.81 -21.68 6.82
C ASP A 159 13.14 -20.44 6.14
N THR A 160 13.63 -19.23 6.42
CA THR A 160 12.89 -18.01 6.17
C THR A 160 13.86 -16.99 5.53
N ILE A 161 13.55 -16.45 4.35
CA ILE A 161 14.50 -15.56 3.64
C ILE A 161 14.23 -14.06 3.91
N ASP A 162 15.28 -13.30 4.24
CA ASP A 162 15.17 -11.82 4.39
C ASP A 162 15.37 -11.17 3.02
N GLN A 163 14.34 -11.30 2.19
CA GLN A 163 14.42 -10.91 0.80
C GLN A 163 14.86 -9.45 0.64
N LEU A 164 14.06 -8.51 1.18
CA LEU A 164 14.44 -7.09 1.16
C LEU A 164 15.79 -6.67 1.80
N GLY A 165 16.08 -7.14 3.00
CA GLY A 165 17.39 -6.90 3.61
C GLY A 165 18.54 -7.25 2.67
N ASP A 166 18.59 -8.51 2.26
CA ASP A 166 19.49 -9.08 1.20
C ASP A 166 19.71 -8.21 -0.08
N VAL A 167 18.63 -7.68 -0.65
CA VAL A 167 18.77 -6.81 -1.81
C VAL A 167 19.34 -5.43 -1.46
N ILE A 168 19.04 -4.91 -0.25
CA ILE A 168 19.70 -3.71 0.20
C ILE A 168 21.20 -3.93 0.37
N GLU A 169 21.58 -5.03 0.98
CA GLU A 169 23.01 -5.32 1.01
C GLU A 169 23.52 -5.33 -0.41
N GLN A 170 22.77 -6.00 -1.30
CA GLN A 170 23.20 -6.12 -2.67
C GLN A 170 23.35 -4.78 -3.43
N ILE A 171 22.42 -3.86 -3.22
CA ILE A 171 22.61 -2.46 -3.64
C ILE A 171 23.87 -1.81 -3.01
N LYS A 172 24.14 -2.04 -1.71
CA LYS A 172 25.29 -1.43 -1.07
C LYS A 172 26.48 -1.93 -1.88
N THR A 173 26.47 -3.24 -2.07
CA THR A 173 27.58 -4.04 -2.59
C THR A 173 27.74 -4.09 -4.16
N HIS A 174 26.65 -4.38 -4.86
CA HIS A 174 26.70 -4.38 -6.31
C HIS A 174 25.62 -3.40 -6.76
N PRO A 175 25.92 -2.08 -6.67
CA PRO A 175 24.87 -1.15 -7.03
C PRO A 175 24.34 -1.32 -8.46
N TYR A 176 25.12 -1.93 -9.38
CA TYR A 176 24.75 -1.95 -10.83
C TYR A 176 23.97 -3.13 -11.36
N SER A 177 23.79 -4.20 -10.56
CA SER A 177 23.16 -5.38 -11.12
C SER A 177 21.74 -5.08 -11.45
N ARG A 178 21.28 -5.70 -12.54
CA ARG A 178 19.89 -5.69 -12.84
C ARG A 178 19.13 -6.85 -12.16
N ARG A 179 19.64 -7.38 -11.05
CA ARG A 179 18.99 -8.47 -10.27
C ARG A 179 18.28 -7.97 -8.98
N LEU A 180 18.11 -6.65 -8.86
CA LEU A 180 17.79 -6.03 -7.58
C LEU A 180 16.31 -6.07 -7.43
N ILE A 181 15.81 -7.32 -7.30
CA ILE A 181 14.38 -7.61 -7.30
C ILE A 181 13.89 -8.09 -5.94
N VAL A 182 12.81 -7.48 -5.49
CA VAL A 182 12.06 -8.05 -4.39
C VAL A 182 10.76 -8.45 -5.02
N SER A 183 10.32 -9.67 -4.69
CA SER A 183 9.08 -10.19 -5.20
C SER A 183 8.17 -10.62 -4.05
N ALA A 184 6.87 -10.37 -4.22
CA ALA A 184 5.87 -10.78 -3.27
C ALA A 184 4.91 -11.86 -3.84
N TRP A 185 5.31 -12.53 -4.93
CA TRP A 185 4.41 -13.54 -5.60
C TRP A 185 4.85 -14.99 -5.40
N ASN A 186 4.17 -15.67 -4.50
CA ASN A 186 4.55 -17.01 -4.15
C ASN A 186 3.61 -17.99 -4.80
N PRO A 187 4.10 -18.62 -5.90
CA PRO A 187 3.31 -19.55 -6.70
C PRO A 187 2.69 -20.66 -5.83
N GLU A 188 3.46 -21.17 -4.86
CA GLU A 188 3.02 -22.11 -3.81
C GLU A 188 1.79 -21.67 -2.94
N ASP A 189 1.59 -20.35 -2.85
CA ASP A 189 0.58 -19.68 -2.00
C ASP A 189 -0.53 -18.97 -2.72
N VAL A 190 -0.29 -18.37 -3.88
CA VAL A 190 -1.40 -17.64 -4.56
C VAL A 190 -2.72 -18.44 -4.91
N PRO A 191 -2.64 -19.75 -5.22
CA PRO A 191 -3.93 -20.40 -5.42
C PRO A 191 -4.88 -20.36 -4.21
N THR A 192 -4.36 -20.56 -2.99
CA THR A 192 -5.19 -20.46 -1.77
C THR A 192 -4.60 -19.46 -0.75
N MET A 193 -4.94 -18.19 -0.92
CA MET A 193 -4.43 -17.13 -0.05
C MET A 193 -5.41 -15.94 -0.20
N ALA A 194 -5.74 -15.30 0.91
CA ALA A 194 -6.79 -14.25 0.92
C ALA A 194 -6.60 -13.11 -0.10
N LEU A 195 -5.50 -12.35 -0.01
CA LEU A 195 -5.16 -11.58 -1.21
C LEU A 195 -3.84 -12.05 -1.81
N PRO A 196 -3.92 -12.69 -2.99
CA PRO A 196 -2.72 -12.78 -3.82
C PRO A 196 -2.30 -11.33 -3.91
N PRO A 197 -1.01 -11.00 -3.65
CA PRO A 197 -0.58 -9.60 -3.61
C PRO A 197 -0.71 -8.82 -4.89
N CYS A 198 -1.24 -7.60 -4.80
CA CYS A 198 -1.31 -6.64 -5.91
C CYS A 198 0.01 -6.09 -6.30
N HIS A 199 0.87 -5.90 -5.33
CA HIS A 199 2.16 -5.34 -5.62
C HIS A 199 3.10 -6.48 -5.73
N THR A 200 3.20 -6.98 -6.95
CA THR A 200 3.68 -8.33 -7.09
C THR A 200 5.19 -8.41 -7.06
N LEU A 201 5.82 -7.29 -7.41
CA LEU A 201 7.25 -7.29 -7.58
C LEU A 201 7.76 -5.91 -7.39
N TYR A 202 9.00 -5.63 -7.16
CA TYR A 202 9.59 -4.38 -7.55
C TYR A 202 11.06 -4.65 -7.78
N GLN A 203 11.73 -3.70 -8.38
CA GLN A 203 13.16 -3.88 -8.51
C GLN A 203 13.80 -2.53 -8.38
N PHE A 204 15.00 -2.55 -7.80
CA PHE A 204 15.74 -1.33 -7.64
C PHE A 204 16.71 -1.19 -8.78
N TYR A 205 17.18 0.04 -9.00
CA TYR A 205 18.08 0.37 -10.10
C TYR A 205 18.95 1.55 -9.71
N VAL A 206 20.25 1.44 -9.95
CA VAL A 206 21.19 2.49 -9.57
C VAL A 206 21.99 2.90 -10.79
N ASN A 207 21.95 4.19 -11.12
CA ASN A 207 22.92 4.74 -12.06
C ASN A 207 23.41 6.13 -11.72
N ASP A 208 24.74 6.27 -11.68
CA ASP A 208 25.42 7.54 -11.41
C ASP A 208 24.77 8.36 -10.28
N GLY A 209 24.81 7.81 -9.07
CA GLY A 209 24.39 8.51 -7.88
C GLY A 209 22.96 8.27 -7.41
N LYS A 210 22.01 8.25 -8.35
CA LYS A 210 20.58 8.14 -7.99
C LYS A 210 20.20 6.66 -7.91
N LEU A 211 19.12 6.35 -7.17
CA LEU A 211 18.51 5.02 -6.98
C LEU A 211 17.05 5.19 -7.35
N SER A 212 16.57 4.27 -8.20
CA SER A 212 15.17 4.26 -8.62
C SER A 212 14.54 2.91 -8.30
N LEU A 213 13.22 2.89 -8.22
CA LEU A 213 12.47 1.70 -8.00
C LEU A 213 11.29 1.64 -9.01
N GLN A 214 11.04 0.44 -9.60
CA GLN A 214 9.84 0.20 -10.43
C GLN A 214 8.92 -0.83 -9.75
N LEU A 215 7.61 -0.53 -9.78
CA LEU A 215 6.60 -1.47 -9.25
C LEU A 215 5.88 -2.14 -10.41
N TYR A 216 5.75 -3.46 -10.32
CA TYR A 216 4.76 -4.13 -11.10
C TYR A 216 3.55 -4.36 -10.20
N GLN A 217 2.46 -3.61 -10.49
CA GLN A 217 1.22 -3.82 -9.78
C GLN A 217 0.21 -4.56 -10.67
N ARG A 218 -0.19 -5.78 -10.27
CA ARG A 218 -0.97 -6.60 -11.20
C ARG A 218 -2.35 -5.99 -11.44
N SER A 219 -2.78 -5.11 -10.56
CA SER A 219 -4.22 -4.79 -10.41
C SER A 219 -4.32 -3.43 -9.63
N ALA A 220 -4.96 -2.50 -10.05
CA ALA A 220 -5.02 -1.21 -9.37
C ALA A 220 -6.38 -0.52 -9.35
N ASP A 221 -6.99 -0.44 -8.18
CA ASP A 221 -8.12 0.41 -8.00
C ASP A 221 -7.57 1.81 -8.09
N ILE A 222 -7.90 2.48 -9.21
CA ILE A 222 -7.34 3.81 -9.49
C ILE A 222 -7.78 4.94 -8.57
N PHE A 223 -9.06 4.96 -8.19
CA PHE A 223 -9.54 5.93 -7.17
C PHE A 223 -9.06 5.64 -5.73
N LEU A 224 -9.34 4.46 -5.16
CA LEU A 224 -8.87 4.16 -3.77
C LEU A 224 -7.43 3.75 -3.65
N GLY A 225 -7.01 2.77 -4.44
CA GLY A 225 -5.74 2.11 -4.23
C GLY A 225 -4.51 2.88 -4.67
N VAL A 226 -4.61 3.57 -5.80
CA VAL A 226 -3.42 4.11 -6.42
C VAL A 226 -2.82 5.34 -5.67
N PRO A 227 -3.67 6.29 -5.19
CA PRO A 227 -3.10 7.37 -4.36
C PRO A 227 -2.15 6.88 -3.26
N PHE A 228 -2.61 5.96 -2.44
CA PHE A 228 -1.77 5.32 -1.39
C PHE A 228 -0.56 4.59 -1.96
N ASN A 229 -0.87 3.73 -2.93
CA ASN A 229 0.18 2.91 -3.56
C ASN A 229 1.38 3.64 -4.10
N ILE A 230 1.14 4.78 -4.77
CA ILE A 230 2.21 5.56 -5.28
C ILE A 230 2.98 6.09 -4.08
N ALA A 231 2.28 6.59 -3.06
CA ALA A 231 3.03 7.18 -1.97
C ALA A 231 3.92 6.10 -1.27
N SER A 232 3.35 4.91 -0.96
CA SER A 232 4.08 3.90 -0.19
C SER A 232 5.36 3.52 -0.88
N TYR A 233 5.28 3.41 -2.21
CA TYR A 233 6.42 2.96 -2.96
C TYR A 233 7.39 4.09 -3.28
N ALA A 234 6.91 5.32 -3.39
CA ALA A 234 7.91 6.42 -3.47
C ALA A 234 8.59 6.55 -2.09
N LEU A 235 7.82 6.35 -1.04
CA LEU A 235 8.43 6.38 0.27
C LEU A 235 9.52 5.32 0.36
N LEU A 236 9.22 4.08 -0.04
CA LEU A 236 10.22 2.99 0.01
C LEU A 236 11.56 3.32 -0.68
N THR A 237 11.46 3.94 -1.87
CA THR A 237 12.59 4.38 -2.71
C THR A 237 13.46 5.38 -1.90
N HIS A 238 12.84 6.41 -1.34
CA HIS A 238 13.57 7.38 -0.53
C HIS A 238 14.33 6.69 0.56
N LEU A 239 13.62 5.85 1.32
CA LEU A 239 14.25 5.19 2.45
C LEU A 239 15.50 4.41 2.09
N VAL A 240 15.44 3.63 1.01
CA VAL A 240 16.53 2.77 0.57
C VAL A 240 17.66 3.67 -0.01
N ALA A 241 17.30 4.68 -0.83
CA ALA A 241 18.24 5.73 -1.28
C ALA A 241 19.03 6.23 -0.08
N HIS A 242 18.30 6.40 1.04
CA HIS A 242 18.80 6.97 2.27
C HIS A 242 19.73 6.00 3.01
N GLU A 243 19.28 4.78 3.20
CA GLU A 243 20.01 3.78 3.88
C GLU A 243 21.25 3.34 3.08
N CYS A 244 21.34 3.79 1.82
CA CYS A 244 22.46 3.39 0.95
C CYS A 244 23.30 4.56 0.57
N GLY A 245 22.84 5.75 0.97
CA GLY A 245 23.59 6.99 0.79
C GLY A 245 23.47 7.49 -0.62
N LEU A 246 22.59 6.88 -1.40
CA LEU A 246 22.43 7.33 -2.78
C LEU A 246 21.45 8.49 -2.78
N GLU A 247 21.49 9.33 -3.79
CA GLU A 247 20.40 10.21 -4.02
C GLU A 247 19.20 9.48 -4.69
N VAL A 248 18.04 10.10 -4.67
CA VAL A 248 16.87 9.50 -5.23
C VAL A 248 16.73 9.96 -6.69
N GLY A 249 16.18 9.09 -7.53
CA GLY A 249 15.91 9.38 -8.94
C GLY A 249 14.46 9.08 -9.21
N GLU A 250 14.15 7.97 -9.85
CA GLU A 250 12.76 7.77 -10.22
C GLU A 250 11.97 6.64 -9.52
N PHE A 251 10.67 6.85 -9.49
CA PHE A 251 9.76 5.79 -9.12
C PHE A 251 9.04 5.55 -10.44
N ILE A 252 8.96 4.30 -10.85
CA ILE A 252 8.18 3.98 -12.02
C ILE A 252 7.03 3.06 -11.64
N HIS A 253 5.81 3.45 -11.98
CA HIS A 253 4.66 2.67 -11.57
C HIS A 253 4.06 1.93 -12.81
N THR A 254 4.09 0.60 -12.79
CA THR A 254 3.70 -0.19 -13.93
C THR A 254 2.52 -0.98 -13.52
N PHE A 255 1.50 -0.95 -14.37
CA PHE A 255 0.22 -1.61 -14.10
C PHE A 255 -0.07 -2.73 -15.05
N GLY A 256 -0.65 -3.78 -14.54
CA GLY A 256 -1.37 -4.73 -15.39
C GLY A 256 -2.74 -4.13 -15.63
N ASP A 257 -3.73 -4.64 -14.89
CA ASP A 257 -5.11 -4.17 -14.94
C ASP A 257 -5.29 -2.91 -14.03
N ALA A 258 -5.36 -1.74 -14.67
CA ALA A 258 -5.66 -0.47 -14.00
C ALA A 258 -7.12 -0.08 -14.27
N HIS A 259 -7.95 -0.21 -13.23
CA HIS A 259 -9.39 -0.05 -13.38
C HIS A 259 -9.98 1.06 -12.48
N LEU A 260 -11.00 1.72 -13.01
CA LEU A 260 -11.89 2.55 -12.22
C LEU A 260 -13.15 1.73 -11.97
N TYR A 261 -13.47 1.49 -10.71
CA TYR A 261 -14.78 0.96 -10.43
C TYR A 261 -15.89 1.86 -10.93
N VAL A 262 -17.01 1.26 -11.30
CA VAL A 262 -18.19 2.02 -11.72
C VAL A 262 -18.85 2.83 -10.59
N ASN A 263 -18.67 2.42 -9.31
CA ASN A 263 -19.05 3.25 -8.18
C ASN A 263 -18.34 4.59 -8.26
N HIS A 264 -17.08 4.54 -8.68
CA HIS A 264 -16.15 5.67 -8.50
C HIS A 264 -16.17 6.71 -9.59
N LEU A 265 -17.08 6.56 -10.54
CA LEU A 265 -17.17 7.49 -11.66
C LEU A 265 -17.38 8.98 -11.30
N ASP A 266 -18.27 9.30 -10.36
CA ASP A 266 -18.51 10.72 -10.03
C ASP A 266 -17.34 11.32 -9.28
N GLN A 267 -16.90 10.57 -8.29
CA GLN A 267 -15.77 10.92 -7.46
C GLN A 267 -14.53 11.32 -8.28
N ILE A 268 -14.19 10.53 -9.31
CA ILE A 268 -13.04 10.81 -10.13
C ILE A 268 -13.16 12.13 -10.89
N LYS A 269 -14.34 12.36 -11.51
CA LYS A 269 -14.60 13.56 -12.34
C LYS A 269 -14.44 14.77 -11.47
N GLU A 270 -14.96 14.66 -10.25
CA GLU A 270 -14.86 15.74 -9.31
C GLU A 270 -13.39 16.04 -9.11
N GLN A 271 -12.60 14.99 -8.83
CA GLN A 271 -11.16 15.15 -8.50
C GLN A 271 -10.52 15.86 -9.68
N LEU A 272 -10.92 15.43 -10.87
CA LEU A 272 -10.38 15.95 -12.11
C LEU A 272 -10.62 17.46 -12.33
N SER A 273 -11.48 18.11 -11.54
CA SER A 273 -11.69 19.58 -11.61
C SER A 273 -10.71 20.36 -10.71
N ARG A 274 -10.34 19.76 -9.64
CA ARG A 274 -9.24 20.16 -8.78
C ARG A 274 -7.99 20.34 -9.47
N THR A 275 -7.34 21.55 -9.30
CA THR A 275 -6.05 22.10 -9.71
C THR A 275 -4.92 21.66 -8.79
N PRO A 276 -4.01 20.83 -9.29
CA PRO A 276 -3.06 20.34 -8.31
C PRO A 276 -2.17 21.45 -7.74
N ARG A 277 -1.68 21.27 -6.51
CA ARG A 277 -0.84 22.26 -5.78
C ARG A 277 0.67 21.84 -5.70
N PRO A 278 1.62 22.79 -5.56
CA PRO A 278 3.02 22.39 -5.46
C PRO A 278 3.23 21.33 -4.38
N ALA A 279 4.25 20.41 -4.70
CA ALA A 279 4.24 19.08 -4.13
C ALA A 279 5.09 19.10 -2.88
N PRO A 280 4.70 18.30 -1.91
CA PRO A 280 5.44 18.43 -0.67
C PRO A 280 6.86 17.84 -0.81
N THR A 281 7.70 18.06 0.18
CA THR A 281 9.08 17.64 0.18
C THR A 281 9.10 16.68 1.33
N LEU A 282 10.06 15.77 1.31
CA LEU A 282 10.15 14.74 2.27
C LEU A 282 11.46 14.96 2.90
N GLN A 283 11.48 14.96 4.22
CA GLN A 283 12.72 15.11 5.00
C GLN A 283 12.93 13.83 5.82
N LEU A 284 13.93 13.05 5.44
CA LEU A 284 14.28 11.87 6.23
C LEU A 284 15.37 12.22 7.25
N ASN A 285 15.17 11.56 8.41
CA ASN A 285 16.13 12.03 9.41
C ASN A 285 17.52 11.76 9.06
N PRO A 286 18.41 12.80 8.93
CA PRO A 286 19.72 12.78 8.27
C PRO A 286 20.81 12.17 9.16
N ASP A 287 20.52 11.69 10.36
CA ASP A 287 21.53 11.01 11.18
C ASP A 287 21.21 9.55 11.47
N LYS A 288 20.05 9.05 11.05
CA LYS A 288 19.78 7.59 11.12
C LYS A 288 19.70 6.99 9.74
N HIS A 289 20.24 5.78 9.57
CA HIS A 289 20.33 5.12 8.24
C HIS A 289 19.68 3.70 8.11
N ASP A 290 19.81 2.86 9.15
CA ASP A 290 19.15 1.56 9.31
C ASP A 290 17.65 1.75 9.59
N ILE A 291 16.99 1.82 8.30
CA ILE A 291 15.59 1.98 7.93
C ILE A 291 14.72 0.82 8.41
N PHE A 292 15.38 -0.32 8.70
CA PHE A 292 14.66 -1.39 9.40
C PHE A 292 14.39 -0.93 10.82
N ASP A 293 15.02 0.19 11.16
CA ASP A 293 14.93 0.80 12.48
C ASP A 293 14.26 2.16 12.49
N PHE A 294 13.57 2.51 11.43
CA PHE A 294 12.84 3.75 11.45
C PHE A 294 11.54 3.76 12.31
N ASP A 295 11.27 4.91 12.94
CA ASP A 295 10.03 5.12 13.65
C ASP A 295 9.35 6.33 13.00
N MET A 296 8.11 6.64 13.37
CA MET A 296 7.31 7.63 12.65
C MET A 296 8.05 8.95 12.49
N LYS A 297 8.76 9.34 13.54
CA LYS A 297 9.44 10.66 13.67
C LYS A 297 10.71 10.73 12.80
N ASP A 298 11.07 9.60 12.20
CA ASP A 298 12.26 9.60 11.36
C ASP A 298 11.91 10.01 9.92
N ILE A 299 10.60 10.15 9.64
CA ILE A 299 10.10 10.57 8.35
C ILE A 299 9.12 11.70 8.57
N LYS A 300 9.38 12.82 7.91
CA LYS A 300 8.49 13.97 8.00
C LYS A 300 8.18 14.55 6.60
N LEU A 301 6.93 14.99 6.44
CA LEU A 301 6.47 15.54 5.19
C LEU A 301 6.28 17.07 5.24
N LEU A 302 7.24 17.84 4.70
CA LEU A 302 7.10 19.31 4.68
C LEU A 302 5.98 19.57 3.72
N ASN A 303 5.01 20.42 4.07
CA ASN A 303 4.21 21.23 3.12
C ASN A 303 3.25 20.51 2.20
N TYR A 304 2.49 19.52 2.83
CA TYR A 304 1.39 18.92 2.08
C TYR A 304 0.15 19.77 2.29
N ASP A 305 -0.45 20.16 1.18
CA ASP A 305 -1.56 21.10 1.14
C ASP A 305 -2.65 20.47 0.24
N PRO A 306 -3.34 19.44 0.76
CA PRO A 306 -4.25 18.69 -0.09
C PRO A 306 -5.61 19.34 -0.22
N TYR A 307 -6.39 18.97 -1.25
CA TYR A 307 -7.83 19.24 -1.30
C TYR A 307 -8.55 18.25 -0.40
N PRO A 308 -9.81 18.51 -0.05
CA PRO A 308 -10.51 17.52 0.75
C PRO A 308 -10.67 16.09 0.18
N ALA A 309 -10.80 15.15 1.11
CA ALA A 309 -11.08 13.77 0.82
C ALA A 309 -12.36 13.71 0.08
N ILE A 310 -12.47 12.71 -0.79
CA ILE A 310 -13.68 12.46 -1.52
C ILE A 310 -14.13 11.09 -1.02
N LYS A 311 -15.34 11.02 -0.45
CA LYS A 311 -15.95 9.77 0.07
C LYS A 311 -16.26 8.73 -1.03
N ALA A 312 -16.00 7.45 -0.75
CA ALA A 312 -15.94 6.40 -1.81
C ALA A 312 -16.33 4.92 -1.46
N PRO A 313 -17.35 4.30 -2.16
CA PRO A 313 -17.86 2.94 -1.98
C PRO A 313 -16.87 1.88 -2.47
N VAL A 314 -16.08 1.38 -1.51
CA VAL A 314 -14.86 0.60 -1.56
C VAL A 314 -14.91 -0.35 -2.75
#